data_7UC7
#
_entry.id   7UC7
#
_cell.length_a   238.895
_cell.length_b   238.895
_cell.length_c   113.304
_cell.angle_alpha   90.000
_cell.angle_beta   90.000
_cell.angle_gamma   120.000
#
_symmetry.space_group_name_H-M   'H 3 2'
#
loop_
_entity.id
_entity.type
_entity.pdbx_description
1 polymer 'Signal transducer and activator of transcription 5A'
2 non-polymer GLYCEROL
3 non-polymer N-{5-[difluoro(phosphono)methyl]-1-benzothiophene-2-carbonyl}-3-methyl-L-valyl-L-prolyl-N~3~-(1-benzofuran-5-yl)-N,N-dimethyl-beta-alaninamide
4 water water
#
_entity_poly.entity_id   1
_entity_poly.type   'polypeptide(L)'
_entity_poly.pdbx_seq_one_letter_code
;SNAAMSQKHLQINQTFEELRLVTQDTENELKKLQQTQEYFIIQYQESLRIQAQFAQLAQLSPQERLSRETALQQKQVSLE
AWLQREAQTLQQYRVELAEKHQKTLQLLRKQQTIILDDELIQWKRRQQLAGNGGPPEGSLDVLQSWCEKLAEIIWQNRQQ
IRRAEHLCQQLPIPGPVEEMLAEVNATITDIISALVTSTFIIEKQPPQVLKTQTKFAATVRLLVGGKLNVHMNPPQVKAT
IISEQQAKSLLKNENTRNECSGEILNNCCVMEYHQATGTLSAHFRNMSLKRIKRADRRGAESVTEEKFTVLFESQFSVGS
NELVFQVKTLSLPVVVIVHGSQDHNATATVLWDNAFAEPGRVPFAVPDKVLWPQLCEALNMKFKAEVQSNRGLTKENLVF
LAQKLFNNSSSHLEDYSGLSVSWSQFNRENLPGWNYTFWQWFDGVMEVLKKHHKPHWNDGAILGFVNKQQAHDLLINKPD
GTFLLRFSDSEIGGITIAWKFDSPERNLWNLKPFTTRDFSIRSLADRLGDLSYLIYVFPDRPKDEVFSKYYTPVLAKAVD
GYVKPQIKQVVPE
;
_entity_poly.pdbx_strand_id   A
#
# COMPACT_ATOMS: atom_id res chain seq x y z
N SER A 6 -12.37 10.02 14.57
CA SER A 6 -12.50 8.56 14.43
C SER A 6 -12.09 7.76 15.70
N GLN A 7 -12.57 6.50 15.78
CA GLN A 7 -12.37 5.55 16.89
C GLN A 7 -10.90 5.42 17.33
N LYS A 8 -10.07 4.61 16.64
CA LYS A 8 -8.66 4.50 17.01
C LYS A 8 -7.79 5.56 16.36
N HIS A 9 -8.38 6.60 15.73
CA HIS A 9 -7.61 7.69 15.12
C HIS A 9 -7.31 8.73 16.20
N LEU A 10 -8.32 9.06 17.01
CA LEU A 10 -8.11 10.00 18.12
C LEU A 10 -7.48 9.29 19.33
N GLN A 11 -7.55 7.95 19.40
CA GLN A 11 -6.86 7.18 20.42
C GLN A 11 -5.33 7.26 20.16
N ILE A 12 -4.91 7.30 18.88
CA ILE A 12 -3.51 7.41 18.49
C ILE A 12 -2.98 8.76 18.96
N ASN A 13 -3.75 9.83 18.75
CA ASN A 13 -3.34 11.16 19.15
C ASN A 13 -3.19 11.31 20.65
N GLN A 14 -4.01 10.61 21.43
CA GLN A 14 -3.91 10.64 22.88
C GLN A 14 -2.58 10.00 23.31
N THR A 15 -2.30 8.80 22.79
CA THR A 15 -1.06 8.12 23.11
C THR A 15 0.16 8.72 22.35
N PHE A 16 -0.03 9.80 21.57
CA PHE A 16 1.05 10.52 20.89
C PHE A 16 1.39 11.72 21.74
N GLU A 17 0.37 12.47 22.20
CA GLU A 17 0.54 13.61 23.06
C GLU A 17 1.13 13.15 24.39
N GLU A 18 0.63 12.02 24.94
CA GLU A 18 1.17 11.48 26.18
C GLU A 18 2.67 11.17 26.04
N LEU A 19 3.12 10.72 24.85
CA LEU A 19 4.53 10.45 24.58
C LEU A 19 5.35 11.76 24.61
N ARG A 20 4.85 12.85 23.99
CA ARG A 20 5.53 14.14 23.95
C ARG A 20 5.62 14.82 25.32
N LEU A 21 4.65 14.54 26.20
CA LEU A 21 4.62 15.07 27.56
C LEU A 21 5.67 14.36 28.40
N VAL A 22 5.63 13.02 28.45
CA VAL A 22 6.59 12.23 29.23
C VAL A 22 8.02 12.30 28.64
N THR A 23 8.17 12.65 27.35
CA THR A 23 9.51 12.86 26.78
C THR A 23 10.08 14.21 27.23
N GLN A 24 9.20 15.21 27.52
CA GLN A 24 9.62 16.50 28.04
C GLN A 24 9.97 16.39 29.50
N ASP A 25 9.26 15.53 30.29
CA ASP A 25 9.58 15.32 31.69
CA ASP A 25 9.59 15.33 31.69
C ASP A 25 11.01 14.80 31.82
N THR A 26 11.40 13.83 30.97
CA THR A 26 12.77 13.28 30.96
C THR A 26 13.77 14.34 30.50
N GLU A 27 13.37 15.26 29.61
CA GLU A 27 14.24 16.35 29.16
C GLU A 27 14.56 17.28 30.33
N ASN A 28 13.57 17.53 31.21
CA ASN A 28 13.72 18.37 32.40
C ASN A 28 14.65 17.70 33.40
N GLU A 29 14.46 16.40 33.66
CA GLU A 29 15.29 15.65 34.59
C GLU A 29 16.76 15.50 34.11
N LEU A 30 16.97 15.53 32.78
CA LEU A 30 18.31 15.42 32.21
C LEU A 30 19.04 16.73 32.41
N LYS A 31 18.42 17.88 32.08
CA LYS A 31 19.08 19.17 32.30
C LYS A 31 19.29 19.41 33.81
N LYS A 32 18.38 18.89 34.67
CA LYS A 32 18.50 19.02 36.12
C LYS A 32 19.67 18.22 36.64
N LEU A 33 19.80 16.96 36.24
CA LEU A 33 20.92 16.12 36.67
C LEU A 33 22.24 16.73 36.20
N GLN A 34 22.27 17.26 34.97
CA GLN A 34 23.45 17.91 34.39
C GLN A 34 23.98 19.02 35.32
N GLN A 35 23.07 19.76 35.95
CA GLN A 35 23.42 20.82 36.89
C GLN A 35 23.90 20.19 38.21
N THR A 36 23.11 19.29 38.82
CA THR A 36 23.46 18.58 40.06
C THR A 36 24.88 18.02 40.02
N GLN A 37 25.23 17.36 38.91
CA GLN A 37 26.57 16.82 38.72
C GLN A 37 27.61 17.94 38.66
N GLU A 38 27.37 18.98 37.82
CA GLU A 38 28.28 20.10 37.63
C GLU A 38 28.62 20.76 38.96
N TYR A 39 27.61 20.97 39.85
CA TYR A 39 27.81 21.58 41.16
C TYR A 39 28.68 20.68 41.99
N PHE A 40 28.34 19.38 42.04
CA PHE A 40 29.07 18.35 42.78
C PHE A 40 30.56 18.35 42.43
N ILE A 41 30.90 18.60 41.16
CA ILE A 41 32.28 18.65 40.66
C ILE A 41 33.02 19.84 41.20
N ILE A 42 32.33 20.98 41.32
CA ILE A 42 32.89 22.21 41.89
C ILE A 42 33.05 22.01 43.40
N GLN A 43 32.04 21.42 44.06
CA GLN A 43 32.10 21.13 45.47
C GLN A 43 33.23 20.16 45.82
N TYR A 44 33.49 19.19 44.94
CA TYR A 44 34.60 18.26 45.17
C TYR A 44 35.92 18.99 45.11
N GLN A 45 36.05 20.01 44.23
CA GLN A 45 37.27 20.80 44.20
C GLN A 45 37.40 21.69 45.45
N GLU A 46 36.29 21.96 46.15
CA GLU A 46 36.32 22.67 47.40
C GLU A 46 36.90 21.75 48.45
N SER A 47 36.52 20.46 48.46
CA SER A 47 37.06 19.46 49.39
C SER A 47 38.56 19.31 49.18
N LEU A 48 39.02 19.36 47.94
CA LEU A 48 40.44 19.28 47.60
C LEU A 48 41.15 20.55 48.15
N ARG A 49 40.55 21.73 47.90
CA ARG A 49 41.01 23.07 48.31
C ARG A 49 41.00 23.27 49.83
N ILE A 50 40.24 22.46 50.57
CA ILE A 50 40.20 22.50 52.04
C ILE A 50 41.55 21.94 52.56
N GLN A 51 42.03 20.83 51.94
CA GLN A 51 43.27 20.21 52.35
C GLN A 51 44.43 21.13 52.10
N ALA A 52 44.53 21.71 50.89
CA ALA A 52 45.61 22.65 50.58
C ALA A 52 45.64 23.84 51.54
N GLN A 53 44.48 24.19 52.10
CA GLN A 53 44.31 25.26 53.06
C GLN A 53 44.96 24.87 54.40
N PHE A 54 44.93 23.57 54.78
CA PHE A 54 45.57 23.02 55.98
C PHE A 54 47.08 23.23 55.91
N ALA A 55 47.68 23.11 54.71
CA ALA A 55 49.12 23.32 54.52
C ALA A 55 49.54 24.77 54.78
N GLN A 56 48.86 25.77 54.17
CA GLN A 56 49.18 27.18 54.42
C GLN A 56 48.82 27.56 55.87
N LEU A 57 47.78 26.90 56.45
CA LEU A 57 47.31 27.05 57.84
C LEU A 57 48.45 26.65 58.77
N ALA A 58 49.13 25.52 58.44
CA ALA A 58 50.29 25.00 59.17
C ALA A 58 51.57 25.79 58.89
N GLN A 59 51.62 27.00 59.47
CA GLN A 59 52.75 27.91 59.40
C GLN A 59 52.85 28.63 60.76
N LEU A 60 51.82 29.44 61.11
CA LEU A 60 51.78 30.26 62.32
C LEU A 60 51.67 29.49 63.66
N SER A 61 51.78 30.28 64.76
CA SER A 61 51.71 29.85 66.16
C SER A 61 50.38 29.15 66.50
N PRO A 62 50.37 28.26 67.51
CA PRO A 62 49.09 27.60 67.91
C PRO A 62 48.03 28.56 68.49
N GLN A 63 48.33 29.88 68.55
CA GLN A 63 47.40 30.93 68.99
C GLN A 63 46.32 31.14 67.91
N GLU A 64 46.73 31.03 66.62
CA GLU A 64 45.88 31.14 65.43
C GLU A 64 45.43 29.72 64.98
N ARG A 65 46.38 28.74 64.96
CA ARG A 65 46.12 27.34 64.60
C ARG A 65 45.06 26.68 65.50
N LEU A 66 44.86 27.21 66.74
CA LEU A 66 43.86 26.69 67.66
C LEU A 66 42.47 26.86 67.02
N SER A 67 42.19 28.06 66.48
CA SER A 67 40.91 28.32 65.82
C SER A 67 40.91 27.77 64.38
N ARG A 68 41.94 28.10 63.60
CA ARG A 68 42.08 27.69 62.21
C ARG A 68 41.98 26.20 61.94
N GLU A 69 42.65 25.35 62.72
CA GLU A 69 42.63 23.91 62.50
C GLU A 69 41.31 23.25 62.89
N THR A 70 40.64 23.78 63.90
CA THR A 70 39.36 23.23 64.36
C THR A 70 38.19 23.65 63.47
N ALA A 71 38.27 24.85 62.87
CA ALA A 71 37.24 25.35 61.98
C ALA A 71 37.37 24.63 60.64
N LEU A 72 38.60 24.52 60.11
CA LEU A 72 38.86 23.82 58.86
C LEU A 72 38.47 22.33 58.94
N GLN A 73 38.52 21.73 60.15
CA GLN A 73 38.13 20.33 60.32
C GLN A 73 36.62 20.23 60.21
N GLN A 74 35.89 21.15 60.86
CA GLN A 74 34.43 21.20 60.82
C GLN A 74 33.89 21.34 59.39
N LYS A 75 34.49 22.26 58.61
CA LYS A 75 34.16 22.54 57.22
C LYS A 75 34.47 21.33 56.31
N GLN A 76 35.52 20.56 56.63
CA GLN A 76 35.90 19.40 55.83
C GLN A 76 35.01 18.21 56.13
N VAL A 77 34.59 18.05 57.38
CA VAL A 77 33.75 16.91 57.75
C VAL A 77 32.41 17.02 57.07
N SER A 78 31.77 18.18 57.23
CA SER A 78 30.45 18.47 56.69
C SER A 78 30.45 18.35 55.18
N LEU A 79 31.40 19.03 54.49
CA LEU A 79 31.51 18.95 53.04
C LEU A 79 31.76 17.52 52.58
N GLU A 80 32.53 16.74 53.34
CA GLU A 80 32.79 15.35 53.01
C GLU A 80 31.58 14.46 53.19
N ALA A 81 30.75 14.77 54.18
CA ALA A 81 29.52 14.02 54.40
C ALA A 81 28.50 14.41 53.33
N TRP A 82 28.48 15.70 52.92
CA TRP A 82 27.58 16.19 51.88
C TRP A 82 27.95 15.54 50.58
N LEU A 83 29.23 15.62 50.17
CA LEU A 83 29.69 15.04 48.91
C LEU A 83 29.35 13.55 48.82
N GLN A 84 29.40 12.84 49.95
CA GLN A 84 29.09 11.42 49.99
C GLN A 84 27.58 11.14 49.84
N ARG A 85 26.71 12.01 50.39
CA ARG A 85 25.26 11.83 50.27
C ARG A 85 24.78 12.24 48.87
N GLU A 86 25.31 13.37 48.38
CA GLU A 86 25.07 13.88 47.03
C GLU A 86 25.59 12.88 45.99
N ALA A 87 26.62 12.09 46.31
CA ALA A 87 27.13 11.07 45.40
C ALA A 87 26.08 9.99 45.21
N GLN A 88 25.39 9.55 46.30
CA GLN A 88 24.34 8.55 46.13
C GLN A 88 23.17 9.16 45.37
N THR A 89 22.85 10.44 45.64
CA THR A 89 21.76 11.15 45.02
C THR A 89 21.95 11.19 43.52
N LEU A 90 23.17 11.53 43.09
CA LEU A 90 23.56 11.52 41.69
C LEU A 90 23.29 10.16 41.02
N GLN A 91 23.58 9.03 41.74
CA GLN A 91 23.35 7.69 41.22
CA GLN A 91 23.36 7.68 41.25
C GLN A 91 21.87 7.37 41.17
N GLN A 92 21.13 7.63 42.25
CA GLN A 92 19.70 7.37 42.33
C GLN A 92 18.94 8.12 41.23
N TYR A 93 19.34 9.36 40.97
CA TYR A 93 18.70 10.17 39.94
C TYR A 93 18.99 9.57 38.56
N ARG A 94 20.23 9.09 38.33
CA ARG A 94 20.64 8.45 37.08
C ARG A 94 19.75 7.25 36.80
N VAL A 95 19.49 6.41 37.80
CA VAL A 95 18.61 5.25 37.66
C VAL A 95 17.20 5.68 37.30
N GLU A 96 16.63 6.62 38.05
CA GLU A 96 15.27 7.12 37.82
C GLU A 96 15.06 7.66 36.43
N LEU A 97 16.13 8.16 35.78
CA LEU A 97 16.08 8.69 34.42
C LEU A 97 16.07 7.54 33.43
N ALA A 98 16.84 6.47 33.69
CA ALA A 98 16.88 5.27 32.83
C ALA A 98 15.56 4.54 32.91
N GLU A 99 14.96 4.45 34.11
CA GLU A 99 13.65 3.83 34.35
C GLU A 99 12.59 4.57 33.52
N LYS A 100 12.66 5.91 33.53
CA LYS A 100 11.74 6.75 32.78
C LYS A 100 11.97 6.60 31.29
N HIS A 101 13.23 6.55 30.87
CA HIS A 101 13.57 6.36 29.47
C HIS A 101 13.13 5.01 28.98
N GLN A 102 13.22 3.98 29.82
CA GLN A 102 12.74 2.65 29.50
C GLN A 102 11.22 2.71 29.36
N LYS A 103 10.53 3.37 30.31
CA LYS A 103 9.08 3.49 30.30
C LYS A 103 8.53 4.20 29.07
N THR A 104 9.14 5.34 28.66
CA THR A 104 8.63 6.04 27.47
C THR A 104 8.98 5.28 26.18
N LEU A 105 10.06 4.48 26.16
CA LEU A 105 10.40 3.71 24.96
C LEU A 105 9.51 2.49 24.76
N GLN A 106 9.17 1.73 25.82
CA GLN A 106 8.24 0.60 25.70
C GLN A 106 6.87 1.09 25.25
N LEU A 107 6.45 2.28 25.72
CA LEU A 107 5.20 2.89 25.32
C LEU A 107 5.29 3.40 23.89
N LEU A 108 6.47 3.86 23.46
CA LEU A 108 6.71 4.32 22.09
C LEU A 108 6.65 3.11 21.12
N ARG A 109 7.09 1.91 21.57
CA ARG A 109 7.03 0.67 20.75
C ARG A 109 5.58 0.31 20.44
N LYS A 110 4.68 0.47 21.44
CA LYS A 110 3.25 0.20 21.27
C LYS A 110 2.67 1.10 20.16
N GLN A 111 2.95 2.40 20.22
CA GLN A 111 2.47 3.35 19.24
C GLN A 111 3.07 3.08 17.87
N GLN A 112 4.35 2.68 17.83
CA GLN A 112 5.10 2.37 16.58
C GLN A 112 4.41 1.23 15.83
N THR A 113 4.19 0.10 16.52
CA THR A 113 3.55 -1.09 16.00
C THR A 113 2.15 -0.77 15.45
N ILE A 114 1.40 0.07 16.15
CA ILE A 114 0.08 0.49 15.68
C ILE A 114 0.18 1.21 14.33
N ILE A 115 1.08 2.19 14.21
CA ILE A 115 1.21 2.95 12.97
C ILE A 115 1.70 2.07 11.81
N LEU A 116 2.76 1.31 12.05
CA LEU A 116 3.46 0.50 11.05
C LEU A 116 2.79 -0.81 10.67
N ASP A 117 2.36 -1.59 11.67
CA ASP A 117 1.78 -2.90 11.42
C ASP A 117 0.26 -2.94 11.28
N ASP A 118 -0.42 -1.81 11.53
CA ASP A 118 -1.86 -1.78 11.37
CA ASP A 118 -1.86 -1.78 11.37
C ASP A 118 -2.26 -0.70 10.35
N GLU A 119 -2.32 0.58 10.75
CA GLU A 119 -2.70 1.64 9.85
C GLU A 119 -1.92 1.68 8.51
N LEU A 120 -0.64 1.27 8.51
CA LEU A 120 0.17 1.29 7.29
C LEU A 120 -0.24 0.13 6.42
N ILE A 121 -0.29 -1.09 7.02
CA ILE A 121 -0.71 -2.29 6.32
C ILE A 121 -2.13 -2.15 5.73
N GLN A 122 -3.03 -1.47 6.45
CA GLN A 122 -4.40 -1.19 5.98
C GLN A 122 -4.35 -0.33 4.73
N TRP A 123 -3.43 0.68 4.70
CA TRP A 123 -3.25 1.58 3.55
C TRP A 123 -2.72 0.81 2.36
N LYS A 124 -1.74 -0.06 2.62
CA LYS A 124 -1.11 -0.90 1.62
C LYS A 124 -2.10 -1.93 1.06
N ARG A 125 -2.97 -2.50 1.91
CA ARG A 125 -3.99 -3.43 1.44
C ARG A 125 -4.99 -2.69 0.61
N ARG A 126 -5.40 -1.49 1.04
CA ARG A 126 -6.32 -0.67 0.26
C ARG A 126 -5.76 -0.39 -1.15
N GLN A 127 -4.43 -0.19 -1.21
CA GLN A 127 -3.64 0.10 -2.41
C GLN A 127 -3.67 -1.13 -3.29
N GLN A 128 -3.42 -2.30 -2.69
CA GLN A 128 -3.42 -3.61 -3.34
C GLN A 128 -4.72 -3.89 -4.07
N LEU A 129 -5.84 -3.74 -3.37
CA LEU A 129 -7.14 -4.00 -3.94
C LEU A 129 -7.53 -2.97 -4.98
N ALA A 130 -7.02 -1.75 -4.88
CA ALA A 130 -7.30 -0.72 -5.90
C ALA A 130 -6.77 -1.10 -7.31
N GLY A 131 -5.85 -2.07 -7.37
CA GLY A 131 -5.32 -2.63 -8.61
C GLY A 131 -6.42 -3.33 -9.39
N ASN A 132 -7.27 -4.10 -8.66
CA ASN A 132 -8.45 -4.81 -9.15
C ASN A 132 -9.68 -3.95 -9.32
N GLY A 133 -9.57 -2.64 -9.15
CA GLY A 133 -10.72 -1.76 -9.24
C GLY A 133 -11.27 -1.29 -7.90
N GLY A 134 -10.74 -1.81 -6.79
CA GLY A 134 -11.14 -1.40 -5.44
C GLY A 134 -11.19 0.11 -5.22
N PRO A 135 -11.61 0.52 -4.02
CA PRO A 135 -11.70 1.96 -3.72
C PRO A 135 -10.30 2.54 -3.56
N PRO A 136 -10.12 3.84 -3.88
CA PRO A 136 -8.77 4.44 -3.75
C PRO A 136 -8.27 4.45 -2.31
N GLU A 137 -6.98 4.11 -2.13
CA GLU A 137 -6.33 4.05 -0.81
C GLU A 137 -6.16 5.43 -0.15
N GLY A 138 -6.18 6.50 -0.95
CA GLY A 138 -6.07 7.85 -0.43
C GLY A 138 -4.67 8.30 -0.06
N SER A 139 -4.55 9.60 0.32
CA SER A 139 -3.27 10.25 0.64
C SER A 139 -2.58 9.76 1.91
N LEU A 140 -1.26 9.76 1.81
CA LEU A 140 -0.40 9.35 2.88
C LEU A 140 -0.28 10.39 4.01
N ASP A 141 -0.83 11.60 3.83
CA ASP A 141 -0.82 12.71 4.78
C ASP A 141 -0.96 12.28 6.26
N VAL A 142 -1.93 11.42 6.54
CA VAL A 142 -2.18 10.92 7.88
C VAL A 142 -1.02 10.13 8.44
N LEU A 143 -0.50 9.19 7.65
CA LEU A 143 0.62 8.35 8.07
C LEU A 143 1.95 9.10 8.05
N GLN A 144 2.06 10.19 7.25
CA GLN A 144 3.30 10.98 7.24
C GLN A 144 3.38 11.69 8.57
N SER A 145 2.30 12.38 8.97
CA SER A 145 2.24 13.04 10.26
C SER A 145 2.54 12.10 11.42
N TRP A 146 1.95 10.90 11.44
CA TRP A 146 2.24 9.95 12.52
C TRP A 146 3.67 9.44 12.51
N CYS A 147 4.24 9.28 11.31
CA CYS A 147 5.60 8.81 11.18
C CYS A 147 6.58 9.88 11.65
N GLU A 148 6.30 11.16 11.32
CA GLU A 148 7.10 12.33 11.73
C GLU A 148 7.14 12.38 13.24
N LYS A 149 6.01 12.23 13.91
CA LYS A 149 5.94 12.20 15.35
C LYS A 149 6.83 11.10 15.94
N LEU A 150 6.74 9.88 15.40
CA LEU A 150 7.54 8.74 15.85
C LEU A 150 9.02 9.06 15.71
N ALA A 151 9.41 9.66 14.56
CA ALA A 151 10.78 10.03 14.22
C ALA A 151 11.29 11.11 15.14
N GLU A 152 10.45 12.07 15.46
CA GLU A 152 10.81 13.17 16.32
C GLU A 152 11.01 12.63 17.74
N ILE A 153 9.99 11.99 18.32
CA ILE A 153 10.07 11.44 19.65
C ILE A 153 11.24 10.48 19.84
N ILE A 154 11.54 9.64 18.83
CA ILE A 154 12.67 8.72 18.97
C ILE A 154 13.99 9.48 18.93
N TRP A 155 14.08 10.52 18.08
CA TRP A 155 15.32 11.28 17.98
C TRP A 155 15.59 12.02 19.25
N GLN A 156 14.57 12.68 19.81
CA GLN A 156 14.66 13.37 21.08
C GLN A 156 15.18 12.44 22.17
N ASN A 157 14.57 11.26 22.32
CA ASN A 157 15.03 10.28 23.32
C ASN A 157 16.42 9.77 23.05
N ARG A 158 16.82 9.69 21.77
CA ARG A 158 18.17 9.25 21.40
C ARG A 158 19.23 10.26 21.86
N GLN A 159 19.00 11.57 21.58
CA GLN A 159 19.97 12.58 22.00
C GLN A 159 19.96 12.75 23.51
N GLN A 160 18.81 12.54 24.19
CA GLN A 160 18.77 12.59 25.64
C GLN A 160 19.70 11.55 26.26
N ILE A 161 19.61 10.28 25.82
CA ILE A 161 20.47 9.23 26.38
C ILE A 161 21.93 9.34 25.91
N ARG A 162 22.22 10.12 24.87
CA ARG A 162 23.59 10.36 24.44
C ARG A 162 24.20 11.29 25.51
N ARG A 163 23.48 12.37 25.87
CA ARG A 163 23.86 13.34 26.90
C ARG A 163 23.98 12.66 28.24
N ALA A 164 23.02 11.80 28.61
CA ALA A 164 23.05 11.06 29.87
C ALA A 164 24.32 10.21 29.97
N GLU A 165 24.70 9.58 28.86
CA GLU A 165 25.89 8.76 28.76
C GLU A 165 27.13 9.63 28.94
N HIS A 166 27.21 10.76 28.21
CA HIS A 166 28.37 11.63 28.31
C HIS A 166 28.64 12.12 29.71
N LEU A 167 27.59 12.33 30.53
CA LEU A 167 27.80 12.74 31.91
C LEU A 167 28.47 11.62 32.69
N CYS A 168 28.02 10.37 32.46
CA CYS A 168 28.56 9.18 33.12
C CYS A 168 30.02 8.92 32.82
N GLN A 169 30.47 9.26 31.60
CA GLN A 169 31.89 9.08 31.28
C GLN A 169 32.69 10.17 32.03
N GLN A 170 32.16 11.39 32.11
CA GLN A 170 32.79 12.48 32.83
C GLN A 170 32.79 12.27 34.35
N LEU A 171 31.79 11.57 34.86
CA LEU A 171 31.72 11.22 36.27
C LEU A 171 31.16 9.81 36.37
N PRO A 172 32.07 8.81 36.41
CA PRO A 172 31.60 7.43 36.47
C PRO A 172 31.08 7.00 37.82
N ILE A 173 29.94 6.31 37.82
CA ILE A 173 29.40 5.73 39.03
C ILE A 173 28.92 4.33 38.66
N PRO A 174 29.55 3.29 39.26
CA PRO A 174 29.22 1.91 38.88
C PRO A 174 27.98 1.29 39.53
N GLY A 175 27.39 0.35 38.81
CA GLY A 175 26.22 -0.35 39.28
C GLY A 175 25.25 -0.73 38.20
N PRO A 176 23.96 -0.64 38.51
CA PRO A 176 22.93 -1.03 37.53
C PRO A 176 22.91 -0.14 36.29
N VAL A 177 23.19 1.16 36.50
CA VAL A 177 23.20 2.22 35.50
C VAL A 177 23.80 1.79 34.16
N GLU A 178 25.02 1.24 34.16
CA GLU A 178 25.70 0.81 32.94
C GLU A 178 24.87 -0.20 32.14
N GLU A 179 24.35 -1.22 32.81
CA GLU A 179 23.55 -2.23 32.12
C GLU A 179 22.22 -1.67 31.65
N MET A 180 21.54 -0.87 32.47
CA MET A 180 20.28 -0.25 32.05
C MET A 180 20.48 0.67 30.85
N LEU A 181 21.64 1.34 30.77
CA LEU A 181 21.94 2.24 29.66
C LEU A 181 22.19 1.48 28.37
N ALA A 182 22.84 0.33 28.45
CA ALA A 182 23.08 -0.50 27.28
C ALA A 182 21.74 -1.01 26.71
N GLU A 183 20.80 -1.34 27.60
CA GLU A 183 19.46 -1.80 27.26
C GLU A 183 18.64 -0.70 26.54
N VAL A 184 18.68 0.54 27.04
CA VAL A 184 17.96 1.65 26.39
C VAL A 184 18.52 1.92 24.98
N ASN A 185 19.84 1.81 24.82
CA ASN A 185 20.47 1.99 23.53
C ASN A 185 20.13 0.84 22.58
N ALA A 186 20.05 -0.39 23.10
CA ALA A 186 19.69 -1.55 22.32
C ALA A 186 18.27 -1.37 21.72
N THR A 187 17.35 -0.82 22.52
CA THR A 187 16.00 -0.56 22.12
C THR A 187 15.94 0.63 21.15
N ILE A 188 16.72 1.66 21.42
CA ILE A 188 16.70 2.87 20.62
C ILE A 188 17.08 2.62 19.17
N THR A 189 18.11 1.80 18.92
CA THR A 189 18.55 1.49 17.56
C THR A 189 17.51 0.60 16.87
N ASP A 190 17.00 -0.39 17.61
CA ASP A 190 15.97 -1.33 17.16
C ASP A 190 14.72 -0.59 16.66
N ILE A 191 14.30 0.48 17.38
CA ILE A 191 13.14 1.27 16.99
C ILE A 191 13.39 2.10 15.72
N ILE A 192 14.54 2.76 15.63
CA ILE A 192 14.85 3.60 14.47
C ILE A 192 15.00 2.77 13.23
N SER A 193 15.69 1.62 13.33
CA SER A 193 15.91 0.75 12.18
C SER A 193 14.60 0.29 11.56
N ALA A 194 13.67 -0.10 12.43
CA ALA A 194 12.36 -0.51 11.99
C ALA A 194 11.62 0.66 11.37
N LEU A 195 11.61 1.84 12.01
CA LEU A 195 10.93 3.05 11.54
C LEU A 195 11.44 3.50 10.17
N VAL A 196 12.74 3.37 9.98
CA VAL A 196 13.39 3.78 8.76
C VAL A 196 13.00 2.88 7.60
N THR A 197 13.20 1.55 7.76
CA THR A 197 12.88 0.56 6.72
C THR A 197 11.39 0.52 6.33
N SER A 198 10.52 0.55 7.32
CA SER A 198 9.09 0.48 7.11
C SER A 198 8.47 1.66 6.38
N THR A 199 9.03 2.89 6.50
CA THR A 199 8.40 4.06 5.85
C THR A 199 8.94 4.40 4.48
N PHE A 200 9.73 3.50 3.88
CA PHE A 200 10.24 3.67 2.54
C PHE A 200 9.23 2.85 1.74
N ILE A 201 8.17 3.52 1.29
CA ILE A 201 7.04 2.85 0.66
C ILE A 201 6.72 3.36 -0.73
N ILE A 202 6.12 2.50 -1.55
CA ILE A 202 5.73 2.89 -2.90
C ILE A 202 4.37 3.56 -2.86
N GLU A 203 4.34 4.87 -3.09
CA GLU A 203 3.12 5.68 -3.09
C GLU A 203 2.27 5.38 -4.32
N LYS A 204 2.87 5.42 -5.51
CA LYS A 204 2.18 5.12 -6.74
C LYS A 204 2.88 3.92 -7.34
N GLN A 205 2.25 2.76 -7.27
CA GLN A 205 2.82 1.51 -7.79
C GLN A 205 3.01 1.57 -9.32
N PRO A 206 3.97 0.79 -9.85
CA PRO A 206 4.12 0.73 -11.31
C PRO A 206 3.04 -0.16 -11.92
N PRO A 207 2.79 -0.03 -13.23
CA PRO A 207 1.76 -0.85 -13.86
C PRO A 207 1.95 -2.34 -13.66
N GLN A 208 0.90 -3.02 -13.17
CA GLN A 208 0.95 -4.43 -12.88
C GLN A 208 0.94 -5.31 -14.10
N VAL A 209 0.52 -4.80 -15.25
CA VAL A 209 0.62 -5.54 -16.51
C VAL A 209 1.54 -4.67 -17.34
N LEU A 210 2.84 -4.82 -17.12
CA LEU A 210 3.84 -3.99 -17.79
C LEU A 210 4.21 -4.47 -19.18
N LYS A 211 3.97 -3.62 -20.20
CA LYS A 211 4.33 -3.96 -21.57
C LYS A 211 5.74 -3.43 -21.89
N THR A 212 6.64 -4.32 -22.33
CA THR A 212 8.01 -3.94 -22.69
C THR A 212 8.05 -2.75 -23.68
N GLN A 213 9.03 -1.85 -23.49
CA GLN A 213 9.24 -0.67 -24.35
C GLN A 213 8.17 0.40 -24.20
N THR A 214 7.51 0.46 -23.04
CA THR A 214 6.45 1.44 -22.77
C THR A 214 6.81 2.28 -21.58
N LYS A 215 6.74 3.60 -21.72
CA LYS A 215 7.05 4.49 -20.60
C LYS A 215 6.08 4.27 -19.42
N PHE A 216 6.61 3.85 -18.28
CA PHE A 216 5.81 3.67 -17.08
C PHE A 216 6.32 4.59 -15.97
N ALA A 217 5.60 4.66 -14.85
CA ALA A 217 6.02 5.53 -13.75
C ALA A 217 5.77 4.90 -12.38
N ALA A 218 6.49 5.36 -11.38
CA ALA A 218 6.30 4.94 -10.00
C ALA A 218 6.66 6.12 -9.08
N THR A 219 6.26 6.07 -7.81
CA THR A 219 6.58 7.15 -6.86
C THR A 219 6.92 6.49 -5.53
N VAL A 220 8.16 6.65 -5.02
CA VAL A 220 8.58 6.05 -3.74
C VAL A 220 8.80 7.13 -2.70
N ARG A 221 7.91 7.22 -1.74
CA ARG A 221 7.95 8.23 -0.72
C ARG A 221 8.64 7.70 0.54
N LEU A 222 9.40 8.55 1.24
CA LEU A 222 9.90 8.20 2.57
C LEU A 222 9.07 9.10 3.52
N LEU A 223 8.38 8.47 4.46
CA LEU A 223 7.50 9.21 5.36
C LEU A 223 8.24 10.01 6.41
N VAL A 224 9.47 9.59 6.77
CA VAL A 224 10.27 10.30 7.75
C VAL A 224 11.41 11.08 7.12
N GLY A 225 11.18 11.65 5.93
CA GLY A 225 12.19 12.45 5.26
C GLY A 225 12.41 13.80 5.93
N GLY A 226 11.34 14.59 5.98
CA GLY A 226 11.33 15.91 6.59
C GLY A 226 11.71 15.90 8.05
N LYS A 227 11.04 15.08 8.87
CA LYS A 227 11.33 15.04 10.31
C LYS A 227 12.65 14.33 10.70
N LEU A 228 13.53 14.05 9.75
CA LEU A 228 14.83 13.47 10.07
C LEU A 228 15.93 14.05 9.20
N ASN A 229 17.19 13.78 9.55
CA ASN A 229 18.31 14.35 8.81
C ASN A 229 18.58 13.63 7.49
N VAL A 230 17.53 13.55 6.63
CA VAL A 230 17.58 12.84 5.35
C VAL A 230 17.44 13.76 4.12
N HIS A 231 16.50 14.73 4.15
CA HIS A 231 16.31 15.59 2.96
C HIS A 231 17.52 16.43 2.60
N MET A 232 18.41 16.70 3.59
CA MET A 232 19.64 17.48 3.42
C MET A 232 20.48 16.93 2.27
N ASN A 233 20.62 15.60 2.20
CA ASN A 233 21.33 14.93 1.11
C ASN A 233 20.32 13.99 0.48
N PRO A 234 19.53 14.47 -0.51
CA PRO A 234 18.54 13.58 -1.16
C PRO A 234 19.20 12.37 -1.81
N PRO A 235 18.80 11.14 -1.41
CA PRO A 235 19.50 9.95 -1.94
C PRO A 235 19.04 9.46 -3.31
N GLN A 236 19.93 8.76 -4.02
CA GLN A 236 19.60 8.17 -5.31
C GLN A 236 18.88 6.84 -5.05
N VAL A 237 17.75 6.65 -5.76
CA VAL A 237 16.89 5.46 -5.67
C VAL A 237 17.04 4.62 -6.95
N LYS A 238 17.40 3.34 -6.83
CA LYS A 238 17.62 2.48 -7.98
C LYS A 238 16.52 1.46 -8.21
N ALA A 239 15.73 1.67 -9.26
CA ALA A 239 14.68 0.73 -9.66
C ALA A 239 15.35 -0.47 -10.33
N THR A 240 14.85 -1.69 -10.09
CA THR A 240 15.46 -2.90 -10.65
C THR A 240 14.40 -3.97 -10.80
N ILE A 241 14.19 -4.53 -11.99
CA ILE A 241 13.19 -5.61 -12.16
C ILE A 241 13.75 -6.97 -11.67
N ILE A 242 13.02 -7.62 -10.78
CA ILE A 242 13.43 -8.89 -10.17
C ILE A 242 12.38 -10.00 -10.41
N SER A 243 12.77 -11.26 -10.24
CA SER A 243 11.88 -12.42 -10.41
C SER A 243 11.27 -12.85 -9.05
N GLU A 244 10.23 -13.72 -9.06
CA GLU A 244 9.63 -14.17 -7.81
C GLU A 244 10.63 -14.88 -6.91
N GLN A 245 11.52 -15.71 -7.49
CA GLN A 245 12.54 -16.39 -6.69
C GLN A 245 13.57 -15.41 -6.19
N GLN A 246 13.96 -14.47 -7.05
CA GLN A 246 14.89 -13.41 -6.67
C GLN A 246 14.35 -12.56 -5.50
N ALA A 247 13.02 -12.52 -5.32
CA ALA A 247 12.41 -11.76 -4.25
C ALA A 247 12.34 -12.58 -2.98
N LYS A 248 12.04 -13.87 -3.09
CA LYS A 248 11.98 -14.77 -1.93
C LYS A 248 13.36 -14.86 -1.26
N SER A 249 14.44 -14.83 -2.08
CA SER A 249 15.82 -14.84 -1.60
C SER A 249 16.15 -13.51 -0.91
N LEU A 250 15.92 -12.37 -1.61
CA LEU A 250 16.11 -10.99 -1.12
C LEU A 250 15.53 -10.82 0.28
N LEU A 251 14.41 -11.46 0.57
CA LEU A 251 13.74 -11.36 1.85
C LEU A 251 14.30 -12.31 2.92
N LYS A 252 14.81 -13.49 2.51
CA LYS A 252 15.44 -14.41 3.46
C LYS A 252 16.96 -14.12 3.64
N ASN A 253 17.46 -12.99 3.05
CA ASN A 253 18.84 -12.46 3.06
C ASN A 253 19.87 -13.31 2.30
N GLU A 254 19.38 -14.20 1.41
CA GLU A 254 20.19 -15.10 0.58
C GLU A 254 20.38 -14.53 -0.85
N ASN A 255 20.60 -13.20 -0.97
CA ASN A 255 20.80 -12.60 -2.30
C ASN A 255 22.27 -12.76 -2.75
N THR A 256 22.55 -12.47 -4.03
CA THR A 256 23.90 -12.55 -4.56
C THR A 256 24.18 -11.31 -5.45
N ARG A 257 24.77 -10.28 -4.82
CA ARG A 257 25.13 -9.00 -5.44
C ARG A 257 23.92 -8.36 -6.17
N ASN A 258 24.14 -7.63 -7.30
CA ASN A 258 23.08 -6.98 -8.07
C ASN A 258 22.33 -8.01 -8.94
N GLU A 259 21.65 -9.00 -8.31
CA GLU A 259 20.89 -10.00 -9.04
C GLU A 259 19.55 -9.39 -9.49
N CYS A 260 19.18 -9.60 -10.75
CA CYS A 260 17.96 -9.01 -11.30
C CYS A 260 17.46 -9.80 -12.55
N SER A 261 16.45 -9.27 -13.29
CA SER A 261 15.90 -9.93 -14.46
C SER A 261 15.58 -9.01 -15.64
N GLY A 262 16.36 -7.94 -15.83
CA GLY A 262 16.14 -7.04 -16.98
C GLY A 262 16.58 -5.61 -16.79
N GLU A 263 16.62 -4.83 -17.88
CA GLU A 263 17.06 -3.44 -17.79
C GLU A 263 15.90 -2.46 -17.78
N ILE A 264 16.06 -1.34 -17.06
CA ILE A 264 15.03 -0.31 -17.01
C ILE A 264 15.68 1.02 -17.37
N LEU A 265 15.16 1.69 -18.40
CA LEU A 265 15.66 3.02 -18.77
C LEU A 265 15.27 3.98 -17.67
N ASN A 266 16.16 4.93 -17.35
CA ASN A 266 15.92 5.93 -16.30
C ASN A 266 15.58 5.26 -14.95
N ASN A 267 16.15 4.06 -14.69
CA ASN A 267 15.92 3.30 -13.44
C ASN A 267 16.61 3.87 -12.22
N CYS A 268 16.89 5.15 -12.25
CA CYS A 268 17.56 5.83 -11.17
C CYS A 268 16.95 7.22 -11.06
N CYS A 269 16.67 7.65 -9.83
CA CYS A 269 16.03 8.94 -9.60
C CYS A 269 16.41 9.49 -8.24
N VAL A 270 16.40 10.81 -8.08
CA VAL A 270 16.75 11.45 -6.82
C VAL A 270 15.52 11.97 -6.11
N MET A 271 15.48 11.79 -4.80
CA MET A 271 14.37 12.25 -3.98
C MET A 271 14.30 13.78 -3.92
N GLU A 272 13.09 14.32 -3.74
CA GLU A 272 12.89 15.76 -3.69
C GLU A 272 12.16 16.12 -2.44
N TYR A 273 12.63 17.15 -1.74
CA TYR A 273 11.93 17.62 -0.55
C TYR A 273 10.99 18.74 -0.94
N HIS A 274 9.74 18.68 -0.46
CA HIS A 274 8.76 19.71 -0.77
C HIS A 274 8.25 20.35 0.50
N GLN A 275 8.55 21.66 0.69
CA GLN A 275 8.04 22.40 1.83
C GLN A 275 6.49 22.44 1.81
N ALA A 276 5.87 22.78 2.96
CA ALA A 276 4.41 22.79 3.22
C ALA A 276 3.83 21.35 3.31
N THR A 277 4.01 20.55 2.24
CA THR A 277 3.63 19.14 2.23
C THR A 277 4.56 18.31 3.15
N GLY A 278 5.78 18.81 3.40
CA GLY A 278 6.81 18.17 4.21
C GLY A 278 7.20 16.80 3.69
N THR A 279 7.04 16.59 2.37
CA THR A 279 7.22 15.28 1.78
C THR A 279 8.52 15.10 0.98
N LEU A 280 9.20 13.99 1.27
CA LEU A 280 10.42 13.56 0.58
C LEU A 280 10.03 12.40 -0.36
N SER A 281 10.06 12.64 -1.67
CA SER A 281 9.59 11.65 -2.63
C SER A 281 10.32 11.61 -3.97
N ALA A 282 10.68 10.40 -4.41
CA ALA A 282 11.32 10.23 -5.71
C ALA A 282 10.24 9.87 -6.74
N HIS A 283 9.86 10.80 -7.66
CA HIS A 283 8.86 10.47 -8.70
C HIS A 283 9.54 9.98 -9.97
N PHE A 284 9.58 8.68 -10.21
CA PHE A 284 10.22 8.15 -11.42
C PHE A 284 9.28 8.36 -12.60
N ARG A 285 9.27 9.57 -13.15
CA ARG A 285 8.35 9.96 -14.22
C ARG A 285 8.55 9.28 -15.57
N ASN A 286 9.79 8.88 -15.91
CA ASN A 286 10.01 8.36 -17.25
C ASN A 286 10.64 6.97 -17.33
N MET A 287 10.45 6.10 -16.34
CA MET A 287 10.96 4.73 -16.43
C MET A 287 10.48 3.98 -17.70
N SER A 288 11.09 2.82 -18.03
CA SER A 288 10.69 2.05 -19.22
C SER A 288 11.43 0.75 -19.23
N LEU A 289 10.78 -0.37 -19.61
CA LEU A 289 11.46 -1.65 -19.65
C LEU A 289 12.21 -1.78 -20.94
N LYS A 290 13.47 -2.23 -20.87
CA LYS A 290 14.36 -2.38 -22.03
C LYS A 290 14.40 -3.86 -22.45
N ARG A 291 14.48 -4.79 -21.48
CA ARG A 291 14.54 -6.22 -21.77
C ARG A 291 14.09 -7.06 -20.58
N ILE A 292 13.88 -8.37 -20.80
CA ILE A 292 13.50 -9.27 -19.71
C ILE A 292 14.22 -10.66 -19.80
N LYS A 293 14.18 -11.41 -18.68
CA LYS A 293 14.67 -12.76 -18.48
C LYS A 293 13.46 -13.63 -18.08
N ARG A 294 13.39 -14.91 -18.52
CA ARG A 294 12.25 -15.76 -18.17
C ARG A 294 12.55 -17.29 -18.11
N ALA A 295 13.61 -17.68 -17.36
CA ALA A 295 14.03 -19.09 -17.20
C ALA A 295 12.90 -20.12 -16.97
N SER A 302 3.38 -20.80 -17.24
CA SER A 302 3.15 -19.94 -18.41
C SER A 302 3.84 -18.55 -18.29
N VAL A 303 4.10 -17.89 -19.44
CA VAL A 303 4.69 -16.55 -19.52
C VAL A 303 3.76 -15.52 -18.84
N THR A 304 2.46 -15.70 -19.08
CA THR A 304 1.33 -14.93 -18.62
C THR A 304 1.10 -15.11 -17.09
N GLU A 305 1.59 -16.22 -16.51
CA GLU A 305 1.49 -16.52 -15.08
C GLU A 305 2.83 -16.27 -14.35
N GLU A 306 3.70 -15.40 -14.93
CA GLU A 306 5.01 -15.14 -14.35
C GLU A 306 5.06 -13.82 -13.57
N LYS A 307 5.30 -13.93 -12.26
CA LYS A 307 5.39 -12.78 -11.36
C LYS A 307 6.79 -12.14 -11.29
N PHE A 308 6.82 -10.84 -11.33
CA PHE A 308 8.03 -10.02 -11.25
C PHE A 308 7.77 -8.85 -10.30
N THR A 309 8.83 -8.15 -9.85
CA THR A 309 8.64 -7.00 -8.99
C THR A 309 9.73 -5.96 -9.17
N VAL A 310 9.35 -4.70 -9.17
CA VAL A 310 10.32 -3.62 -9.26
C VAL A 310 10.90 -3.33 -7.88
N LEU A 311 12.16 -3.70 -7.69
CA LEU A 311 12.87 -3.51 -6.45
C LEU A 311 13.46 -2.16 -6.39
N PHE A 312 12.97 -1.33 -5.46
CA PHE A 312 13.50 0.00 -5.21
C PHE A 312 14.42 -0.07 -4.01
N GLU A 313 15.64 0.42 -4.20
CA GLU A 313 16.63 0.44 -3.14
C GLU A 313 17.26 1.80 -3.01
N SER A 314 17.77 2.08 -1.84
CA SER A 314 18.40 3.34 -1.54
C SER A 314 19.28 3.17 -0.29
N GLN A 315 20.19 4.12 -0.08
CA GLN A 315 21.10 4.11 1.06
C GLN A 315 21.25 5.55 1.51
N PHE A 316 21.10 5.79 2.81
CA PHE A 316 21.24 7.13 3.34
C PHE A 316 21.58 7.15 4.81
N SER A 317 22.25 8.23 5.22
CA SER A 317 22.63 8.42 6.61
C SER A 317 21.63 9.32 7.31
N VAL A 318 21.44 9.08 8.61
CA VAL A 318 20.52 9.91 9.38
C VAL A 318 21.28 10.77 10.41
N GLY A 319 21.81 11.89 9.93
CA GLY A 319 22.55 12.86 10.72
C GLY A 319 23.98 12.47 10.98
N SER A 320 24.16 11.46 11.84
CA SER A 320 25.46 10.92 12.23
C SER A 320 26.17 10.28 11.02
N ASN A 321 27.51 10.35 10.99
CA ASN A 321 28.32 9.72 9.93
C ASN A 321 28.29 8.17 10.04
N GLU A 322 28.09 7.64 11.27
CA GLU A 322 28.03 6.22 11.54
C GLU A 322 26.66 5.66 11.17
N LEU A 323 25.58 6.43 11.48
CA LEU A 323 24.19 6.01 11.28
C LEU A 323 23.70 5.93 9.81
N VAL A 324 24.03 4.83 9.13
CA VAL A 324 23.60 4.63 7.75
C VAL A 324 22.61 3.45 7.62
N PHE A 325 21.55 3.64 6.82
CA PHE A 325 20.56 2.59 6.61
C PHE A 325 20.42 2.25 5.14
N GLN A 326 20.22 0.97 4.85
CA GLN A 326 19.98 0.54 3.48
C GLN A 326 18.53 0.10 3.34
N VAL A 327 17.72 0.91 2.64
CA VAL A 327 16.31 0.65 2.49
C VAL A 327 15.96 -0.07 1.19
N LYS A 328 15.01 -1.01 1.28
CA LYS A 328 14.53 -1.80 0.15
C LYS A 328 13.01 -1.96 0.23
N THR A 329 12.31 -1.67 -0.87
CA THR A 329 10.86 -1.86 -0.94
C THR A 329 10.48 -2.57 -2.23
N LEU A 330 9.52 -3.48 -2.13
CA LEU A 330 9.06 -4.24 -3.28
C LEU A 330 7.71 -3.78 -3.85
N SER A 331 7.67 -3.69 -5.18
CA SER A 331 6.43 -3.32 -5.85
C SER A 331 5.48 -4.50 -5.83
N LEU A 332 4.18 -4.22 -6.03
CA LEU A 332 3.17 -5.26 -6.14
C LEU A 332 3.49 -6.12 -7.36
N PRO A 333 3.33 -7.44 -7.29
CA PRO A 333 3.75 -8.27 -8.42
C PRO A 333 3.16 -7.86 -9.74
N VAL A 334 4.04 -7.75 -10.72
CA VAL A 334 3.75 -7.32 -12.07
C VAL A 334 3.98 -8.49 -13.02
N VAL A 335 3.09 -8.65 -14.02
CA VAL A 335 3.29 -9.64 -15.08
C VAL A 335 3.78 -8.86 -16.30
N VAL A 336 4.89 -9.30 -16.89
CA VAL A 336 5.47 -8.59 -18.02
C VAL A 336 5.00 -9.19 -19.32
N ILE A 337 4.54 -8.33 -20.24
CA ILE A 337 4.09 -8.74 -21.56
C ILE A 337 4.86 -7.96 -22.62
N VAL A 338 4.90 -8.49 -23.85
CA VAL A 338 5.64 -7.84 -24.91
C VAL A 338 4.71 -7.46 -26.04
N HIS A 339 3.82 -8.39 -26.45
CA HIS A 339 2.94 -8.09 -27.58
C HIS A 339 1.61 -7.39 -27.17
N GLY A 340 1.29 -7.34 -25.88
CA GLY A 340 0.06 -6.68 -25.45
C GLY A 340 -1.21 -7.45 -25.79
N SER A 341 -1.08 -8.43 -26.69
CA SER A 341 -2.14 -9.33 -27.06
C SER A 341 -2.50 -10.19 -25.85
N GLN A 342 -1.48 -10.58 -25.03
CA GLN A 342 -1.77 -11.41 -23.89
C GLN A 342 -2.01 -10.64 -22.60
N ASP A 343 -2.36 -9.34 -22.70
CA ASP A 343 -2.81 -8.52 -21.55
C ASP A 343 -4.03 -9.20 -20.89
N HIS A 344 -4.89 -9.79 -21.74
CA HIS A 344 -6.08 -10.53 -21.41
C HIS A 344 -5.80 -11.56 -20.29
N ASN A 345 -4.80 -12.41 -20.47
CA ASN A 345 -4.50 -13.42 -19.45
C ASN A 345 -3.67 -12.91 -18.29
N ALA A 346 -2.87 -11.86 -18.52
CA ALA A 346 -2.01 -11.29 -17.47
C ALA A 346 -2.90 -10.76 -16.34
N THR A 347 -3.94 -9.99 -16.71
CA THR A 347 -4.96 -9.43 -15.85
C THR A 347 -5.55 -10.47 -14.89
N ALA A 348 -5.71 -11.72 -15.32
CA ALA A 348 -6.28 -12.78 -14.48
C ALA A 348 -5.33 -13.19 -13.38
N THR A 349 -4.03 -13.20 -13.65
CA THR A 349 -3.04 -13.56 -12.63
C THR A 349 -2.90 -12.45 -11.60
N VAL A 350 -2.88 -11.20 -12.09
CA VAL A 350 -2.80 -10.01 -11.27
C VAL A 350 -4.05 -9.93 -10.43
N LEU A 351 -5.24 -10.14 -11.03
CA LEU A 351 -6.54 -10.14 -10.35
C LEU A 351 -6.50 -11.08 -9.17
N TRP A 352 -6.04 -12.31 -9.40
CA TRP A 352 -6.00 -13.32 -8.36
C TRP A 352 -5.10 -12.91 -7.22
N ASP A 353 -3.93 -12.40 -7.56
CA ASP A 353 -2.92 -11.98 -6.60
C ASP A 353 -3.34 -10.80 -5.75
N ASN A 354 -3.85 -9.75 -6.38
CA ASN A 354 -4.31 -8.57 -5.67
C ASN A 354 -5.48 -8.88 -4.72
N ALA A 355 -6.34 -9.82 -5.13
CA ALA A 355 -7.50 -10.14 -4.35
C ALA A 355 -7.23 -11.14 -3.24
N PHE A 356 -6.43 -12.19 -3.53
CA PHE A 356 -6.29 -13.27 -2.57
C PHE A 356 -4.94 -13.39 -1.97
N ALA A 357 -4.16 -12.29 -1.90
CA ALA A 357 -2.85 -12.35 -1.25
C ALA A 357 -3.03 -12.36 0.26
N GLU A 358 -2.28 -13.26 0.93
CA GLU A 358 -2.37 -13.34 2.38
C GLU A 358 -1.42 -12.35 3.08
N PRO A 359 -1.86 -11.67 4.16
CA PRO A 359 -0.99 -10.71 4.82
C PRO A 359 0.28 -11.38 5.34
N GLY A 360 1.41 -10.71 5.17
CA GLY A 360 2.71 -11.21 5.61
C GLY A 360 3.15 -12.47 4.90
N ARG A 361 2.75 -12.61 3.64
CA ARG A 361 3.11 -13.79 2.86
C ARG A 361 4.55 -13.72 2.36
N VAL A 362 5.08 -14.89 1.94
CA VAL A 362 6.39 -14.96 1.30
C VAL A 362 6.17 -14.45 -0.13
N PRO A 363 7.18 -13.84 -0.79
CA PRO A 363 6.95 -13.27 -2.12
C PRO A 363 6.23 -14.15 -3.13
N PHE A 364 5.00 -13.64 -3.36
CA PHE A 364 3.93 -13.85 -4.32
C PHE A 364 3.22 -15.18 -4.10
N ALA A 365 2.94 -15.45 -2.81
CA ALA A 365 2.23 -16.63 -2.33
C ALA A 365 0.74 -16.38 -2.30
N VAL A 366 0.07 -17.02 -3.26
CA VAL A 366 -1.37 -16.99 -3.44
C VAL A 366 -1.97 -18.38 -3.21
N PRO A 367 -3.23 -18.47 -2.70
CA PRO A 367 -3.83 -19.80 -2.51
C PRO A 367 -4.21 -20.43 -3.84
N ASP A 368 -4.22 -21.78 -3.88
CA ASP A 368 -4.62 -22.52 -5.07
C ASP A 368 -6.14 -22.42 -5.28
N LYS A 369 -6.92 -22.57 -4.21
CA LYS A 369 -8.37 -22.48 -4.27
C LYS A 369 -8.88 -21.32 -3.41
N VAL A 370 -10.09 -20.88 -3.69
CA VAL A 370 -10.78 -19.82 -2.99
C VAL A 370 -12.30 -20.11 -3.02
N LEU A 371 -13.07 -19.71 -2.00
CA LEU A 371 -14.52 -19.92 -2.02
C LEU A 371 -15.22 -18.98 -3.00
N TRP A 372 -16.16 -19.51 -3.79
CA TRP A 372 -16.91 -18.80 -4.84
C TRP A 372 -17.32 -17.32 -4.54
N PRO A 373 -17.90 -16.99 -3.36
CA PRO A 373 -18.30 -15.59 -3.14
C PRO A 373 -17.11 -14.64 -2.92
N GLN A 374 -15.90 -15.20 -2.58
CA GLN A 374 -14.65 -14.44 -2.48
C GLN A 374 -14.30 -13.97 -3.92
N LEU A 375 -14.32 -14.92 -4.87
CA LEU A 375 -14.07 -14.65 -6.27
C LEU A 375 -15.12 -13.69 -6.81
N CYS A 376 -16.39 -13.81 -6.36
CA CYS A 376 -17.45 -12.91 -6.81
C CYS A 376 -17.13 -11.46 -6.55
N GLU A 377 -16.72 -11.16 -5.31
CA GLU A 377 -16.30 -9.87 -4.77
C GLU A 377 -15.30 -9.20 -5.72
N ALA A 378 -14.29 -10.00 -6.12
CA ALA A 378 -13.23 -9.62 -7.03
C ALA A 378 -13.75 -9.35 -8.44
N LEU A 379 -14.58 -10.27 -8.99
CA LEU A 379 -15.11 -10.12 -10.34
C LEU A 379 -16.00 -8.91 -10.44
N ASN A 380 -16.84 -8.68 -9.42
CA ASN A 380 -17.74 -7.53 -9.39
C ASN A 380 -16.92 -6.25 -9.29
N MET A 381 -15.90 -6.26 -8.42
CA MET A 381 -15.02 -5.11 -8.21
C MET A 381 -14.39 -4.64 -9.53
N LYS A 382 -13.79 -5.61 -10.26
CA LYS A 382 -13.12 -5.36 -11.54
C LYS A 382 -14.14 -5.01 -12.61
N PHE A 383 -15.30 -5.70 -12.61
CA PHE A 383 -16.36 -5.50 -13.60
C PHE A 383 -16.80 -4.05 -13.66
N LYS A 384 -17.18 -3.50 -12.49
CA LYS A 384 -17.65 -2.13 -12.34
C LYS A 384 -16.58 -1.15 -12.85
N ALA A 385 -15.34 -1.37 -12.39
CA ALA A 385 -14.20 -0.57 -12.76
C ALA A 385 -13.97 -0.58 -14.26
N GLU A 386 -14.04 -1.74 -14.91
CA GLU A 386 -13.79 -1.83 -16.34
C GLU A 386 -14.90 -1.19 -17.20
N VAL A 387 -16.14 -1.66 -17.07
CA VAL A 387 -17.24 -1.09 -17.86
C VAL A 387 -17.52 0.40 -17.46
N GLN A 388 -16.88 0.90 -16.36
CA GLN A 388 -17.01 2.26 -15.85
C GLN A 388 -18.47 2.57 -15.59
N SER A 389 -19.08 1.84 -14.66
CA SER A 389 -20.49 2.02 -14.32
C SER A 389 -20.76 1.59 -12.88
N ASN A 390 -21.83 2.16 -12.30
CA ASN A 390 -22.22 1.79 -10.94
C ASN A 390 -23.03 0.51 -10.88
N ARG A 391 -23.65 0.11 -12.03
CA ARG A 391 -24.41 -1.11 -12.23
C ARG A 391 -23.44 -2.30 -12.34
N GLY A 392 -23.26 -3.02 -11.24
CA GLY A 392 -22.38 -4.18 -11.24
C GLY A 392 -23.10 -5.47 -11.55
N LEU A 393 -22.59 -6.55 -10.98
CA LEU A 393 -23.16 -7.86 -11.15
C LEU A 393 -24.15 -8.09 -10.05
N THR A 394 -25.45 -8.16 -10.42
CA THR A 394 -26.56 -8.43 -9.49
C THR A 394 -26.53 -9.88 -8.97
N LYS A 395 -27.24 -10.18 -7.86
CA LYS A 395 -27.28 -11.54 -7.31
C LYS A 395 -27.74 -12.56 -8.37
N GLU A 396 -28.66 -12.14 -9.27
CA GLU A 396 -29.10 -12.95 -10.40
C GLU A 396 -27.94 -13.22 -11.41
N ASN A 397 -27.19 -12.16 -11.84
CA ASN A 397 -26.03 -12.28 -12.74
C ASN A 397 -24.99 -13.19 -12.12
N LEU A 398 -24.80 -13.10 -10.80
CA LEU A 398 -23.85 -13.91 -10.03
C LEU A 398 -24.18 -15.38 -10.07
N VAL A 399 -25.48 -15.69 -10.12
CA VAL A 399 -26.01 -17.05 -10.24
C VAL A 399 -25.65 -17.57 -11.64
N PHE A 400 -25.96 -16.77 -12.70
CA PHE A 400 -25.61 -17.13 -14.07
C PHE A 400 -24.12 -17.47 -14.22
N LEU A 401 -23.21 -16.70 -13.61
CA LEU A 401 -21.78 -17.00 -13.70
C LEU A 401 -21.43 -18.24 -12.87
N ALA A 402 -22.12 -18.44 -11.74
CA ALA A 402 -21.91 -19.64 -10.91
C ALA A 402 -22.33 -20.90 -11.66
N GLN A 403 -23.40 -20.78 -12.46
CA GLN A 403 -23.92 -21.84 -13.29
C GLN A 403 -22.88 -22.19 -14.33
N LYS A 404 -22.42 -21.21 -15.10
CA LYS A 404 -21.39 -21.41 -16.11
C LYS A 404 -20.11 -22.01 -15.52
N LEU A 405 -19.54 -21.38 -14.49
CA LEU A 405 -18.30 -21.82 -13.87
C LEU A 405 -18.37 -23.23 -13.31
N PHE A 406 -19.34 -23.48 -12.42
CA PHE A 406 -19.42 -24.78 -11.77
C PHE A 406 -20.07 -25.88 -12.57
N ASN A 407 -20.76 -25.53 -13.66
CA ASN A 407 -21.55 -26.45 -14.46
C ASN A 407 -22.61 -27.14 -13.56
N ASN A 408 -23.45 -26.28 -12.99
CA ASN A 408 -24.57 -26.64 -12.14
C ASN A 408 -25.85 -25.99 -12.71
N SER A 409 -27.00 -26.47 -12.25
CA SER A 409 -28.31 -26.04 -12.72
C SER A 409 -29.04 -25.09 -11.77
N SER A 410 -28.67 -25.12 -10.46
CA SER A 410 -29.31 -24.34 -9.42
C SER A 410 -29.45 -22.86 -9.69
N SER A 411 -30.58 -22.30 -9.29
CA SER A 411 -30.81 -20.87 -9.43
C SER A 411 -30.70 -20.16 -8.10
N HIS A 412 -30.26 -20.83 -7.02
CA HIS A 412 -30.12 -20.19 -5.71
C HIS A 412 -28.64 -19.97 -5.36
N LEU A 413 -28.25 -18.70 -5.18
CA LEU A 413 -26.85 -18.35 -4.94
C LEU A 413 -26.23 -19.04 -3.72
N GLU A 414 -27.01 -19.17 -2.63
CA GLU A 414 -26.56 -19.80 -1.39
C GLU A 414 -26.06 -21.23 -1.56
N ASP A 415 -26.41 -21.87 -2.69
CA ASP A 415 -26.00 -23.24 -2.97
C ASP A 415 -24.52 -23.38 -3.24
N TYR A 416 -23.92 -22.34 -3.83
CA TYR A 416 -22.52 -22.32 -4.25
C TYR A 416 -21.53 -21.82 -3.17
N SER A 417 -22.07 -21.31 -2.06
CA SER A 417 -21.34 -20.70 -0.96
C SER A 417 -20.12 -21.45 -0.43
N GLY A 418 -20.18 -22.77 -0.35
CA GLY A 418 -19.04 -23.55 0.12
C GLY A 418 -18.13 -24.08 -0.96
N LEU A 419 -18.48 -23.80 -2.22
CA LEU A 419 -17.73 -24.32 -3.34
C LEU A 419 -16.44 -23.55 -3.60
N SER A 420 -15.36 -24.28 -3.89
CA SER A 420 -14.08 -23.67 -4.16
C SER A 420 -13.69 -23.68 -5.63
N VAL A 421 -13.28 -22.51 -6.11
CA VAL A 421 -12.77 -22.32 -7.44
C VAL A 421 -11.26 -22.35 -7.32
N SER A 422 -10.61 -23.28 -7.99
CA SER A 422 -9.17 -23.37 -8.07
C SER A 422 -8.69 -22.38 -9.15
N TRP A 423 -7.38 -22.07 -9.16
CA TRP A 423 -6.81 -21.22 -10.20
C TRP A 423 -6.98 -21.92 -11.58
N SER A 424 -6.82 -23.28 -11.60
CA SER A 424 -7.01 -24.12 -12.79
C SER A 424 -8.45 -23.96 -13.32
N GLN A 425 -9.48 -24.01 -12.42
CA GLN A 425 -10.88 -23.84 -12.80
C GLN A 425 -11.15 -22.43 -13.35
N PHE A 426 -10.47 -21.42 -12.79
CA PHE A 426 -10.62 -20.02 -13.17
C PHE A 426 -10.01 -19.66 -14.53
N ASN A 427 -8.75 -20.03 -14.79
CA ASN A 427 -8.11 -19.67 -16.06
C ASN A 427 -7.01 -20.65 -16.49
N ARG A 428 -7.33 -21.94 -16.52
CA ARG A 428 -6.39 -22.95 -16.98
C ARG A 428 -7.17 -24.01 -17.78
N GLU A 429 -7.98 -24.83 -17.10
CA GLU A 429 -8.81 -25.81 -17.79
C GLU A 429 -10.00 -25.11 -18.43
N ASN A 430 -10.40 -25.60 -19.61
CA ASN A 430 -11.53 -25.02 -20.32
C ASN A 430 -12.86 -25.45 -19.67
N LEU A 431 -13.92 -24.76 -20.06
CA LEU A 431 -15.25 -25.04 -19.53
C LEU A 431 -15.88 -26.31 -20.18
N PRO A 432 -16.92 -26.91 -19.54
CA PRO A 432 -17.63 -28.08 -20.09
C PRO A 432 -17.44 -28.48 -21.58
N GLY A 433 -17.84 -27.63 -22.52
CA GLY A 433 -17.68 -27.98 -23.93
C GLY A 433 -17.22 -26.79 -24.73
N TRP A 434 -16.23 -26.06 -24.23
CA TRP A 434 -15.80 -24.84 -24.88
C TRP A 434 -14.31 -24.77 -25.13
N ASN A 435 -13.90 -23.97 -26.12
CA ASN A 435 -12.49 -23.82 -26.43
C ASN A 435 -11.82 -22.69 -25.59
N TYR A 436 -12.40 -22.37 -24.41
CA TYR A 436 -11.93 -21.30 -23.53
C TYR A 436 -12.19 -21.61 -22.03
N THR A 437 -11.57 -20.79 -21.13
CA THR A 437 -11.68 -20.86 -19.65
C THR A 437 -12.71 -19.84 -19.14
N PHE A 438 -13.16 -19.97 -17.88
CA PHE A 438 -14.11 -19.00 -17.31
C PHE A 438 -13.63 -17.56 -17.39
N TRP A 439 -12.35 -17.30 -17.06
CA TRP A 439 -11.81 -15.94 -17.13
C TRP A 439 -11.83 -15.40 -18.56
N GLN A 440 -11.61 -16.27 -19.55
CA GLN A 440 -11.61 -15.85 -20.94
C GLN A 440 -13.00 -15.38 -21.34
N TRP A 441 -14.02 -16.17 -20.95
CA TRP A 441 -15.39 -15.81 -21.23
C TRP A 441 -15.79 -14.55 -20.53
N PHE A 442 -15.49 -14.45 -19.21
CA PHE A 442 -15.83 -13.27 -18.40
C PHE A 442 -15.13 -12.00 -18.86
N ASP A 443 -13.80 -12.08 -19.04
CA ASP A 443 -13.05 -10.92 -19.52
C ASP A 443 -13.47 -10.52 -20.92
N GLY A 444 -13.86 -11.50 -21.75
CA GLY A 444 -14.34 -11.26 -23.10
C GLY A 444 -15.54 -10.34 -23.10
N VAL A 445 -16.46 -10.61 -22.15
CA VAL A 445 -17.67 -9.85 -21.90
C VAL A 445 -17.36 -8.45 -21.41
N MET A 446 -16.44 -8.29 -20.44
CA MET A 446 -16.05 -6.95 -19.95
C MET A 446 -15.45 -6.16 -21.10
N GLU A 447 -14.55 -6.78 -21.84
CA GLU A 447 -13.88 -6.16 -22.96
C GLU A 447 -14.87 -5.62 -24.00
N VAL A 448 -15.81 -6.43 -24.52
CA VAL A 448 -16.77 -5.94 -25.52
C VAL A 448 -17.64 -4.82 -24.93
N LEU A 449 -18.01 -4.93 -23.66
CA LEU A 449 -18.79 -3.89 -22.98
C LEU A 449 -17.99 -2.57 -22.92
N LYS A 450 -16.76 -2.61 -22.36
CA LYS A 450 -15.87 -1.46 -22.21
C LYS A 450 -15.54 -0.79 -23.56
N LYS A 451 -15.19 -1.60 -24.56
CA LYS A 451 -14.79 -1.13 -25.88
C LYS A 451 -15.77 -0.24 -26.56
N HIS A 452 -17.08 -0.40 -26.37
CA HIS A 452 -18.06 0.43 -27.09
C HIS A 452 -19.48 0.39 -26.59
N HIS A 453 -19.72 -0.35 -25.51
CA HIS A 453 -21.06 -0.48 -24.97
C HIS A 453 -21.22 0.07 -23.57
N LYS A 454 -20.24 0.87 -23.09
CA LYS A 454 -20.29 1.47 -21.76
C LYS A 454 -21.59 2.22 -21.48
N PRO A 455 -22.12 3.05 -22.42
CA PRO A 455 -23.38 3.75 -22.10
C PRO A 455 -24.54 2.76 -21.99
N HIS A 456 -24.73 1.91 -23.01
CA HIS A 456 -25.76 0.88 -23.06
C HIS A 456 -25.79 0.01 -21.84
N TRP A 457 -24.62 -0.37 -21.31
CA TRP A 457 -24.59 -1.22 -20.12
C TRP A 457 -25.17 -0.47 -18.94
N ASN A 458 -24.74 0.79 -18.79
CA ASN A 458 -25.15 1.69 -17.73
C ASN A 458 -26.66 1.99 -17.82
N ASP A 459 -27.14 2.24 -19.05
CA ASP A 459 -28.53 2.53 -19.36
C ASP A 459 -29.49 1.33 -19.17
N GLY A 460 -28.95 0.14 -18.88
CA GLY A 460 -29.76 -1.07 -18.70
C GLY A 460 -30.12 -1.81 -19.97
N ALA A 461 -29.83 -1.24 -21.15
CA ALA A 461 -30.14 -1.83 -22.45
C ALA A 461 -29.48 -3.20 -22.73
N ILE A 462 -28.59 -3.67 -21.85
CA ILE A 462 -27.93 -4.95 -22.06
C ILE A 462 -28.10 -5.75 -20.82
N LEU A 463 -29.08 -6.62 -20.82
CA LEU A 463 -29.32 -7.51 -19.68
C LEU A 463 -28.13 -8.48 -19.57
N GLY A 464 -27.75 -9.06 -20.69
CA GLY A 464 -26.60 -9.89 -20.84
C GLY A 464 -26.51 -11.21 -20.14
N PHE A 465 -26.37 -11.22 -18.81
CA PHE A 465 -26.13 -12.46 -18.08
C PHE A 465 -27.38 -13.34 -17.89
N VAL A 466 -27.95 -13.80 -18.99
CA VAL A 466 -29.10 -14.71 -19.04
C VAL A 466 -28.80 -15.78 -20.10
N ASN A 467 -29.15 -17.04 -19.80
CA ASN A 467 -28.91 -18.13 -20.75
C ASN A 467 -30.00 -18.18 -21.83
N LYS A 468 -29.80 -18.96 -22.92
CA LYS A 468 -30.76 -19.05 -24.02
C LYS A 468 -32.16 -19.45 -23.52
N GLN A 469 -32.21 -20.33 -22.50
CA GLN A 469 -33.47 -20.74 -21.93
C GLN A 469 -34.06 -19.61 -21.11
N GLN A 470 -33.30 -19.03 -20.14
CA GLN A 470 -33.75 -17.91 -19.30
C GLN A 470 -34.45 -16.78 -20.13
N ALA A 471 -33.89 -16.47 -21.30
CA ALA A 471 -34.38 -15.42 -22.19
C ALA A 471 -35.73 -15.78 -22.80
N HIS A 472 -35.89 -17.05 -23.18
CA HIS A 472 -37.08 -17.62 -23.78
C HIS A 472 -38.26 -17.60 -22.77
N ASP A 473 -37.99 -18.04 -21.53
CA ASP A 473 -38.95 -18.03 -20.42
C ASP A 473 -39.03 -16.59 -19.86
N LEU A 474 -39.22 -15.59 -20.74
CA LEU A 474 -39.32 -14.17 -20.41
C LEU A 474 -40.01 -13.44 -21.53
N LEU A 475 -39.59 -13.70 -22.79
CA LEU A 475 -40.14 -13.03 -23.99
C LEU A 475 -41.36 -13.73 -24.63
N ILE A 476 -41.78 -14.88 -24.05
CA ILE A 476 -42.95 -15.64 -24.49
C ILE A 476 -44.18 -14.76 -24.21
N ASN A 477 -44.29 -14.29 -22.95
CA ASN A 477 -45.38 -13.47 -22.44
C ASN A 477 -45.21 -12.01 -22.81
N LYS A 478 -44.67 -11.76 -24.02
CA LYS A 478 -44.40 -10.43 -24.53
C LYS A 478 -44.88 -10.27 -25.99
N PRO A 479 -45.18 -9.01 -26.40
CA PRO A 479 -45.68 -8.76 -27.78
C PRO A 479 -44.79 -9.24 -28.93
N ASP A 480 -45.31 -9.19 -30.17
CA ASP A 480 -44.63 -9.68 -31.38
C ASP A 480 -43.43 -8.83 -31.92
N GLY A 481 -42.63 -8.30 -31.00
CA GLY A 481 -41.42 -7.53 -31.29
C GLY A 481 -40.55 -7.25 -30.07
N THR A 482 -40.82 -7.95 -28.95
CA THR A 482 -40.05 -7.76 -27.74
C THR A 482 -38.75 -8.56 -27.78
N PHE A 483 -37.61 -7.87 -27.48
CA PHE A 483 -36.27 -8.47 -27.53
C PHE A 483 -35.34 -8.05 -26.40
N LEU A 484 -34.38 -8.91 -26.07
CA LEU A 484 -33.36 -8.59 -25.08
C LEU A 484 -31.93 -8.74 -25.66
N LEU A 485 -30.90 -8.16 -24.99
CA LEU A 485 -29.52 -8.30 -25.42
C LEU A 485 -28.81 -9.26 -24.49
N ARG A 486 -28.11 -10.24 -25.05
CA ARG A 486 -27.53 -11.36 -24.32
C ARG A 486 -26.07 -11.67 -24.64
N PHE A 487 -25.32 -12.24 -23.68
CA PHE A 487 -23.91 -12.61 -23.91
C PHE A 487 -23.89 -14.00 -24.46
N SER A 488 -23.35 -14.18 -25.66
CA SER A 488 -23.34 -15.49 -26.30
C SER A 488 -22.28 -16.37 -25.68
N ASP A 489 -22.59 -17.66 -25.45
CA ASP A 489 -21.58 -18.55 -24.88
C ASP A 489 -20.61 -19.05 -25.96
N SER A 490 -21.04 -19.19 -27.21
CA SER A 490 -20.20 -19.74 -28.27
C SER A 490 -19.14 -18.80 -28.80
N GLU A 491 -19.47 -17.53 -28.96
CA GLU A 491 -18.53 -16.55 -29.49
C GLU A 491 -18.05 -15.57 -28.43
N ILE A 492 -16.78 -15.66 -28.02
CA ILE A 492 -16.21 -14.77 -27.01
C ILE A 492 -16.39 -13.28 -27.39
N GLY A 493 -16.93 -12.54 -26.44
CA GLY A 493 -17.24 -11.13 -26.61
C GLY A 493 -18.41 -10.88 -27.53
N GLY A 494 -19.28 -11.89 -27.65
CA GLY A 494 -20.42 -11.82 -28.53
C GLY A 494 -21.69 -11.46 -27.82
N ILE A 495 -22.48 -10.62 -28.48
CA ILE A 495 -23.77 -10.14 -28.04
C ILE A 495 -24.81 -10.63 -29.04
N THR A 496 -25.66 -11.58 -28.60
CA THR A 496 -26.74 -12.20 -29.38
C THR A 496 -28.09 -11.58 -28.99
N ILE A 497 -29.00 -11.40 -29.95
CA ILE A 497 -30.32 -10.84 -29.64
C ILE A 497 -31.35 -11.96 -29.50
N ALA A 498 -32.17 -11.94 -28.44
CA ALA A 498 -33.24 -12.91 -28.25
C ALA A 498 -34.56 -12.16 -28.46
N TRP A 499 -35.43 -12.57 -29.40
CA TRP A 499 -36.68 -11.86 -29.70
C TRP A 499 -37.89 -12.79 -29.93
N LYS A 500 -39.11 -12.22 -29.93
CA LYS A 500 -40.36 -12.95 -30.13
C LYS A 500 -41.06 -12.47 -31.42
N PHE A 501 -41.67 -13.41 -32.20
CA PHE A 501 -42.37 -13.18 -33.48
C PHE A 501 -43.00 -14.54 -33.84
N ASP A 502 -44.33 -14.68 -33.73
CA ASP A 502 -45.00 -15.95 -34.02
C ASP A 502 -45.03 -16.27 -35.52
N SER A 503 -44.39 -17.39 -35.88
CA SER A 503 -44.31 -17.87 -37.26
C SER A 503 -44.61 -19.42 -37.32
N PRO A 504 -44.70 -20.07 -38.52
CA PRO A 504 -45.01 -21.51 -38.58
C PRO A 504 -44.53 -22.40 -37.39
N GLU A 505 -43.27 -22.92 -37.38
CA GLU A 505 -42.82 -23.80 -36.29
C GLU A 505 -42.39 -23.04 -35.02
N ARG A 506 -41.41 -22.13 -35.17
CA ARG A 506 -40.84 -21.35 -34.07
C ARG A 506 -41.53 -20.00 -33.85
N ASN A 507 -41.57 -19.61 -32.59
CA ASN A 507 -42.17 -18.34 -32.19
C ASN A 507 -41.19 -17.47 -31.31
N LEU A 508 -40.05 -18.07 -30.87
CA LEU A 508 -39.00 -17.37 -30.13
C LEU A 508 -37.69 -17.61 -30.83
N TRP A 509 -36.95 -16.53 -31.11
CA TRP A 509 -35.76 -16.56 -31.96
C TRP A 509 -34.47 -15.97 -31.39
N ASN A 510 -33.33 -16.60 -31.74
CA ASN A 510 -32.02 -16.15 -31.33
C ASN A 510 -31.14 -15.79 -32.53
N LEU A 511 -30.99 -14.48 -32.83
CA LEU A 511 -30.18 -14.02 -33.95
C LEU A 511 -28.69 -14.26 -33.72
N LYS A 512 -27.93 -14.48 -34.80
CA LYS A 512 -26.49 -14.70 -34.86
C LYS A 512 -25.76 -13.65 -34.01
N PRO A 513 -24.86 -14.11 -33.13
CA PRO A 513 -24.20 -13.17 -32.23
C PRO A 513 -23.28 -12.23 -32.97
N PHE A 514 -23.30 -10.98 -32.52
CA PHE A 514 -22.48 -9.92 -33.03
C PHE A 514 -21.16 -9.83 -32.26
N THR A 515 -20.05 -9.86 -32.98
CA THR A 515 -18.73 -9.65 -32.37
C THR A 515 -18.29 -8.22 -32.65
N THR A 516 -17.30 -7.73 -31.91
CA THR A 516 -16.78 -6.38 -32.08
C THR A 516 -16.43 -6.04 -33.53
N ARG A 517 -16.12 -7.06 -34.37
CA ARG A 517 -15.80 -6.90 -35.79
C ARG A 517 -17.02 -6.25 -36.47
N ASP A 518 -18.21 -6.82 -36.23
CA ASP A 518 -19.49 -6.37 -36.77
C ASP A 518 -19.83 -4.96 -36.28
N PHE A 519 -19.52 -4.67 -35.02
CA PHE A 519 -19.73 -3.37 -34.44
C PHE A 519 -18.84 -2.29 -35.07
N SER A 520 -17.67 -2.68 -35.58
CA SER A 520 -16.75 -1.77 -36.27
C SER A 520 -17.39 -1.27 -37.56
N ILE A 521 -18.10 -2.17 -38.26
CA ILE A 521 -18.82 -1.87 -39.47
C ILE A 521 -20.09 -1.04 -39.12
N ARG A 522 -21.08 -1.62 -38.40
CA ARG A 522 -22.26 -0.87 -38.00
C ARG A 522 -22.46 -0.96 -36.50
N SER A 523 -22.84 0.16 -35.88
CA SER A 523 -23.06 0.30 -34.44
C SER A 523 -24.04 -0.75 -33.90
N LEU A 524 -24.12 -0.93 -32.56
CA LEU A 524 -25.13 -1.82 -32.00
C LEU A 524 -26.48 -1.16 -32.23
N ALA A 525 -26.61 0.14 -31.88
CA ALA A 525 -27.85 0.88 -32.09
C ALA A 525 -28.18 0.95 -33.57
N ASP A 526 -27.21 1.29 -34.44
CA ASP A 526 -27.46 1.31 -35.89
C ASP A 526 -27.95 -0.04 -36.41
N ARG A 527 -27.58 -1.14 -35.75
CA ARG A 527 -28.00 -2.46 -36.17
C ARG A 527 -29.38 -2.81 -35.64
N LEU A 528 -29.70 -2.38 -34.40
CA LEU A 528 -31.01 -2.65 -33.84
C LEU A 528 -32.06 -1.84 -34.63
N GLY A 529 -31.81 -0.55 -34.84
CA GLY A 529 -32.69 0.32 -35.61
C GLY A 529 -32.86 -0.09 -37.07
N ASP A 530 -31.85 -0.79 -37.62
CA ASP A 530 -31.85 -1.31 -38.98
C ASP A 530 -32.90 -2.45 -39.13
N LEU A 531 -33.17 -3.21 -38.04
CA LEU A 531 -34.11 -4.34 -38.07
C LEU A 531 -35.53 -3.97 -37.64
N SER A 532 -36.47 -4.27 -38.54
CA SER A 532 -37.91 -3.99 -38.39
C SER A 532 -38.57 -4.75 -37.26
N TYR A 533 -38.29 -6.07 -37.15
CA TYR A 533 -38.87 -6.97 -36.15
C TYR A 533 -38.64 -6.56 -34.72
N LEU A 534 -37.43 -6.08 -34.43
CA LEU A 534 -37.06 -5.61 -33.11
C LEU A 534 -37.74 -4.28 -32.93
N ILE A 535 -38.67 -4.18 -31.96
CA ILE A 535 -39.44 -2.94 -31.78
C ILE A 535 -39.73 -2.61 -30.30
N TYR A 536 -39.55 -3.56 -29.37
CA TYR A 536 -39.76 -3.28 -27.95
C TYR A 536 -38.64 -3.94 -27.14
N VAL A 537 -37.75 -3.16 -26.50
CA VAL A 537 -36.69 -3.76 -25.69
C VAL A 537 -37.30 -4.22 -24.35
N PHE A 538 -36.92 -5.41 -23.90
CA PHE A 538 -37.41 -6.00 -22.67
C PHE A 538 -37.13 -5.12 -21.44
N PRO A 539 -38.07 -5.00 -20.47
CA PRO A 539 -39.39 -5.64 -20.36
C PRO A 539 -40.53 -5.00 -21.16
N ASP A 540 -40.65 -3.67 -21.10
CA ASP A 540 -41.72 -2.96 -21.78
C ASP A 540 -41.24 -1.89 -22.78
N ARG A 541 -40.23 -1.06 -22.36
CA ARG A 541 -39.56 0.04 -23.08
C ARG A 541 -39.51 -0.08 -24.60
N PRO A 542 -39.91 0.97 -25.32
CA PRO A 542 -39.83 0.91 -26.80
C PRO A 542 -38.38 1.01 -27.32
N LYS A 543 -38.11 0.46 -28.53
CA LYS A 543 -36.74 0.45 -29.10
C LYS A 543 -36.16 1.86 -29.28
N ASP A 544 -36.77 2.70 -30.14
CA ASP A 544 -36.28 4.06 -30.36
C ASP A 544 -36.25 4.93 -29.09
N GLU A 545 -36.77 4.42 -27.97
CA GLU A 545 -36.72 5.13 -26.71
C GLU A 545 -35.39 4.85 -26.04
N VAL A 546 -34.91 3.60 -26.09
CA VAL A 546 -33.65 3.23 -25.44
C VAL A 546 -32.41 3.51 -26.31
N PHE A 547 -32.56 3.41 -27.63
CA PHE A 547 -31.43 3.58 -28.53
C PHE A 547 -31.45 4.85 -29.37
N SER A 548 -32.37 5.79 -29.08
CA SER A 548 -32.52 7.06 -29.80
C SER A 548 -31.21 7.81 -29.95
N LYS A 549 -30.50 7.98 -28.80
CA LYS A 549 -29.24 8.70 -28.64
C LYS A 549 -28.17 8.24 -29.59
N TYR A 550 -28.02 6.93 -29.71
CA TYR A 550 -26.96 6.26 -30.41
C TYR A 550 -27.21 6.05 -31.90
N TYR A 551 -28.28 6.64 -32.45
CA TYR A 551 -28.57 6.51 -33.87
C TYR A 551 -27.72 7.47 -34.67
N THR A 552 -27.04 6.96 -35.70
CA THR A 552 -26.15 7.78 -36.51
C THR A 552 -26.88 8.73 -37.44
N PRO A 553 -26.71 10.04 -37.26
CA PRO A 553 -27.38 10.99 -38.15
C PRO A 553 -26.52 11.15 -39.39
N VAL A 554 -26.80 10.37 -40.44
CA VAL A 554 -26.08 10.37 -41.71
C VAL A 554 -25.68 11.79 -42.18
N LEU A 555 -24.39 12.07 -42.09
CA LEU A 555 -23.84 13.35 -42.44
C LEU A 555 -23.34 13.35 -43.87
N ALA A 556 -23.66 14.43 -44.57
CA ALA A 556 -23.27 14.70 -45.94
C ALA A 556 -21.73 14.72 -46.09
N LYS A 557 -21.22 14.17 -47.19
CA LYS A 557 -19.78 14.17 -47.41
C LYS A 557 -19.32 15.44 -48.16
N ALA A 558 -18.03 15.75 -48.05
CA ALA A 558 -17.47 16.92 -48.69
C ALA A 558 -17.36 16.68 -50.19
N VAL A 559 -16.93 15.46 -50.59
CA VAL A 559 -16.82 15.01 -51.99
C VAL A 559 -18.12 15.26 -52.75
N ASP A 560 -19.27 14.95 -52.12
CA ASP A 560 -20.61 15.18 -52.68
C ASP A 560 -20.99 16.69 -52.80
N GLY A 561 -20.05 17.59 -52.57
CA GLY A 561 -20.22 19.03 -52.72
C GLY A 561 -21.08 19.77 -51.71
N TYR A 562 -20.77 19.63 -50.41
CA TYR A 562 -21.51 20.36 -49.38
C TYR A 562 -20.53 21.32 -48.68
N VAL A 563 -20.80 22.64 -48.75
CA VAL A 563 -19.86 23.64 -48.18
C VAL A 563 -19.98 23.74 -46.64
N LYS A 564 -21.15 23.42 -46.09
CA LYS A 564 -21.38 23.44 -44.65
C LYS A 564 -21.84 22.04 -44.20
N PRO A 565 -21.73 21.72 -42.89
CA PRO A 565 -22.13 20.37 -42.45
C PRO A 565 -23.63 20.13 -42.57
N GLN A 566 -24.01 19.08 -43.30
CA GLN A 566 -25.42 18.76 -43.52
C GLN A 566 -25.75 17.35 -43.10
N ILE A 567 -27.02 17.11 -42.79
CA ILE A 567 -27.52 15.78 -42.40
C ILE A 567 -28.55 15.28 -43.51
N LYS A 568 -28.82 13.96 -43.62
CA LYS A 568 -29.75 13.44 -44.63
C LYS A 568 -31.22 13.51 -44.17
#